data_5ORL
#
_entry.id   5ORL
#
_cell.length_a   81.620
_cell.length_b   81.620
_cell.length_c   175.210
_cell.angle_alpha   90.000
_cell.angle_beta   90.000
_cell.angle_gamma   120.000
#
_symmetry.space_group_name_H-M   'P 61 2 2'
#
loop_
_entity.id
_entity.type
_entity.pdbx_description
1 polymer 'Aurora kinase A'
2 non-polymer "ADENOSINE-5'-DIPHOSPHATE"
3 non-polymer 'MAGNESIUM ION'
4 non-polymer 'CHLORIDE ION'
5 non-polymer ~{N}-(3-chloranyl-2-fluoranyl-phenyl)-3-sulfanyl-propanamide
6 water water
#
_entity_poly.entity_id   1
_entity_poly.type   'polypeptide(L)'
_entity_poly.pdbx_seq_one_letter_code
;QWALEDFEIGRPLGKGKFGNVYLAREKQSKFILALKVLFKAQLEKAGVEHQLRREVEIQSHLRHPNILRLYGYFHDATRV
YLILEYAPLGTVYRELQKLSKFDEQRTATYITELANALSYCHSKRVIHRDIKPENLLLGSAGELKIADFGWSVHAPSSRR
T(TPO)LAGTLDYLPPEMIEGRMHDEKVDLWSLGVLCYEFLVGKPPFEANTYQETYKRISRVEFTFPDFVTEGARDLISR
LLKHNPSQRPMLREVLEHPWITANSSKPS
;
_entity_poly.pdbx_strand_id   A
#
loop_
_chem_comp.id
_chem_comp.type
_chem_comp.name
_chem_comp.formula
A4W non-polymer ~{N}-(3-chloranyl-2-fluoranyl-phenyl)-3-sulfanyl-propanamide 'C9 H9 Cl F N O S'
ADP non-polymer ADENOSINE-5'-DIPHOSPHATE 'C10 H15 N5 O10 P2'
CL non-polymer 'CHLORIDE ION' 'Cl -1'
MG non-polymer 'MAGNESIUM ION' 'Mg 2'
#
# COMPACT_ATOMS: atom_id res chain seq x y z
N GLN A 1 0.01 18.50 22.75
CA GLN A 1 -0.80 19.68 22.45
C GLN A 1 -2.28 19.28 22.26
N TRP A 2 -2.59 18.58 21.17
CA TRP A 2 -3.97 18.11 20.90
C TRP A 2 -4.46 17.11 21.97
N ALA A 3 -5.76 17.16 22.27
CA ALA A 3 -6.41 16.21 23.14
C ALA A 3 -7.70 15.75 22.50
N LEU A 4 -8.28 14.69 23.03
CA LEU A 4 -9.48 14.13 22.47
C LEU A 4 -10.63 15.13 22.49
N GLU A 5 -10.65 15.97 23.53
CA GLU A 5 -11.69 16.99 23.68
C GLU A 5 -11.70 18.03 22.56
N ASP A 6 -10.64 18.06 21.76
CA ASP A 6 -10.55 19.05 20.69
C ASP A 6 -11.33 18.60 19.43
N PHE A 7 -11.81 17.37 19.42
CA PHE A 7 -12.46 16.80 18.21
C PHE A 7 -13.92 16.30 18.40
N GLU A 8 -14.75 16.49 17.39
CA GLU A 8 -16.05 15.80 17.33
C GLU A 8 -15.86 14.63 16.36
N ILE A 9 -16.17 13.43 16.82
CA ILE A 9 -15.93 12.19 16.10
C ILE A 9 -17.18 11.84 15.31
N GLY A 10 -16.98 11.21 14.14
CA GLY A 10 -18.09 10.84 13.27
C GLY A 10 -18.03 9.45 12.63
N ARG A 11 -18.40 9.43 11.35
CA ARG A 11 -18.52 8.19 10.57
C ARG A 11 -17.30 7.25 10.68
N PRO A 12 -17.52 5.98 11.04
CA PRO A 12 -16.42 5.01 10.96
C PRO A 12 -15.90 4.84 9.53
N LEU A 13 -14.60 4.97 9.31
CA LEU A 13 -14.03 4.92 7.95
C LEU A 13 -13.42 3.57 7.61
N GLY A 14 -12.92 2.84 8.61
CA GLY A 14 -12.36 1.52 8.33
C GLY A 14 -11.64 0.95 9.53
N LYS A 15 -11.28 -0.34 9.44
CA LYS A 15 -10.58 -1.09 10.48
C LYS A 15 -9.41 -1.85 9.86
N GLY A 16 -8.19 -1.71 10.39
CA GLY A 16 -7.11 -2.60 10.02
C GLY A 16 -6.85 -3.56 11.18
N LYS A 17 -5.74 -4.30 11.15
CA LYS A 17 -5.40 -5.17 12.29
C LYS A 17 -5.25 -4.34 13.55
N PHE A 18 -4.66 -3.15 13.45
CA PHE A 18 -4.50 -2.31 14.65
C PHE A 18 -5.28 -1.01 14.63
N GLY A 19 -5.42 -0.39 13.47
CA GLY A 19 -6.04 0.93 13.37
C GLY A 19 -7.58 0.92 13.27
N ASN A 20 -8.24 1.68 14.14
CA ASN A 20 -9.68 1.94 14.07
C ASN A 20 -9.88 3.38 13.63
N VAL A 21 -10.35 3.58 12.39
CA VAL A 21 -10.21 4.92 11.82
C VAL A 21 -11.61 5.56 11.66
N TYR A 22 -11.72 6.80 12.11
CA TYR A 22 -13.00 7.55 12.09
C TYR A 22 -12.87 8.92 11.45
N LEU A 23 -13.92 9.37 10.75
CA LEU A 23 -14.01 10.76 10.39
C LEU A 23 -14.07 11.62 11.67
N ALA A 24 -13.45 12.78 11.64
CA ALA A 24 -13.53 13.69 12.79
C ALA A 24 -13.42 15.15 12.34
N ARG A 25 -13.88 16.06 13.20
CA ARG A 25 -13.78 17.50 12.93
C ARG A 25 -13.17 18.26 14.12
N GLU A 26 -12.11 19.03 13.89
CA GLU A 26 -11.51 19.83 14.97
C GLU A 26 -12.42 21.04 15.29
N LYS A 27 -12.73 21.23 16.57
CA LYS A 27 -13.76 22.19 17.00
C LYS A 27 -13.51 23.65 16.62
N GLN A 28 -12.28 24.15 16.79
CA GLN A 28 -12.07 25.58 16.61
C GLN A 28 -11.97 26.03 15.14
N SER A 29 -11.30 25.19 14.33
CA SER A 29 -11.07 25.47 12.93
C SER A 29 -12.11 24.85 12.01
N LYS A 30 -12.88 23.88 12.51
CA LYS A 30 -13.77 23.04 11.69
C LYS A 30 -13.00 22.16 10.66
N PHE A 31 -11.71 21.90 10.88
CA PHE A 31 -10.93 21.08 9.94
C PHE A 31 -11.37 19.61 9.96
N ILE A 32 -11.70 19.04 8.79
CA ILE A 32 -12.05 17.62 8.69
C ILE A 32 -10.80 16.75 8.48
N LEU A 33 -10.72 15.66 9.21
CA LEU A 33 -9.57 14.74 9.17
C LEU A 33 -10.02 13.30 9.46
N ALA A 34 -9.10 12.35 9.31
CA ALA A 34 -9.31 10.97 9.69
C ALA A 34 -8.51 10.72 10.98
N LEU A 35 -9.19 10.27 12.04
CA LEU A 35 -8.54 9.94 13.32
C LEU A 35 -8.33 8.42 13.40
N LYS A 36 -7.06 7.98 13.45
CA LYS A 36 -6.70 6.57 13.54
C LYS A 36 -6.41 6.23 14.97
N VAL A 37 -7.25 5.38 15.56
CA VAL A 37 -7.18 5.07 17.01
C VAL A 37 -6.55 3.69 17.22
N LEU A 38 -5.49 3.65 18.04
CA LEU A 38 -4.78 2.41 18.32
C LEU A 38 -4.84 2.14 19.82
N PHE A 39 -4.91 0.87 20.22
CA PHE A 39 -4.93 0.52 21.63
C PHE A 39 -3.54 0.11 22.16
N LYS A 40 -3.08 0.77 23.20
CA LYS A 40 -1.71 0.56 23.69
C LYS A 40 -1.46 -0.89 24.10
N ALA A 41 -2.45 -1.49 24.76
CA ALA A 41 -2.36 -2.90 25.12
C ALA A 41 -2.14 -3.82 23.93
N GLN A 42 -2.84 -3.55 22.81
CA GLN A 42 -2.70 -4.36 21.61
C GLN A 42 -1.34 -4.18 20.94
N LEU A 43 -0.85 -2.93 20.89
CA LEU A 43 0.47 -2.66 20.31
C LEU A 43 1.59 -3.38 21.08
N GLU A 44 1.44 -3.35 22.40
CA GLU A 44 2.41 -3.96 23.30
C GLU A 44 2.40 -5.49 23.18
N LYS A 45 1.20 -6.09 23.17
CA LYS A 45 1.07 -7.55 23.01
C LYS A 45 1.64 -8.07 21.70
N ALA A 46 1.44 -7.36 20.59
CA ALA A 46 1.92 -7.81 19.27
C ALA A 46 3.37 -7.43 19.03
N GLY A 47 3.88 -6.56 19.90
CA GLY A 47 5.23 -6.02 19.77
C GLY A 47 5.46 -5.08 18.59
N VAL A 48 4.51 -4.19 18.30
CA VAL A 48 4.65 -3.36 17.10
C VAL A 48 4.78 -1.87 17.37
N GLU A 49 5.32 -1.54 18.55
CA GLU A 49 5.56 -0.13 18.87
C GLU A 49 6.42 0.55 17.81
N HIS A 50 7.40 -0.20 17.29
CA HIS A 50 8.32 0.36 16.31
C HIS A 50 7.65 0.68 14.97
N GLN A 51 6.57 -0.05 14.67
CA GLN A 51 5.81 0.23 13.44
C GLN A 51 5.02 1.57 13.55
N LEU A 52 4.42 1.84 14.71
CA LEU A 52 3.77 3.12 15.00
C LEU A 52 4.78 4.27 14.81
N ARG A 53 5.95 4.12 15.45
CA ARG A 53 6.96 5.18 15.30
C ARG A 53 7.41 5.43 13.86
N ARG A 54 7.60 4.35 13.10
CA ARG A 54 8.04 4.44 11.72
C ARG A 54 6.98 5.17 10.89
N GLU A 55 5.71 4.86 11.16
CA GLU A 55 4.64 5.48 10.37
C GLU A 55 4.62 6.99 10.64
N VAL A 56 4.82 7.36 11.90
CA VAL A 56 4.84 8.78 12.26
C VAL A 56 6.07 9.49 11.66
N GLU A 57 7.24 8.85 11.78
CA GLU A 57 8.51 9.38 11.25
C GLU A 57 8.40 9.76 9.78
N ILE A 58 8.04 8.77 8.95
CA ILE A 58 7.96 8.96 7.50
C ILE A 58 6.83 9.93 7.11
N GLN A 59 5.59 9.64 7.50
CA GLN A 59 4.48 10.34 6.90
C GLN A 59 4.30 11.78 7.44
N SER A 60 4.93 12.12 8.57
CA SER A 60 4.78 13.48 9.11
C SER A 60 5.74 14.43 8.38
N HIS A 61 6.81 13.89 7.80
CA HIS A 61 7.81 14.79 7.19
C HIS A 61 7.66 15.02 5.69
N LEU A 62 6.92 14.16 5.01
CA LEU A 62 6.83 14.26 3.56
C LEU A 62 5.76 15.21 3.07
N ARG A 63 5.93 15.67 1.84
CA ARG A 63 4.86 16.43 1.19
C ARG A 63 4.83 16.05 -0.28
N HIS A 64 4.29 14.86 -0.56
CA HIS A 64 4.20 14.30 -1.90
C HIS A 64 2.71 14.05 -2.23
N PRO A 65 2.27 14.43 -3.44
CA PRO A 65 0.85 14.34 -3.80
C PRO A 65 0.30 12.90 -3.76
N ASN A 66 1.17 11.92 -3.88
CA ASN A 66 0.72 10.51 -3.90
C ASN A 66 1.12 9.73 -2.64
N ILE A 67 1.40 10.46 -1.56
CA ILE A 67 1.66 9.85 -0.25
C ILE A 67 0.78 10.54 0.82
N LEU A 68 0.07 9.75 1.63
CA LEU A 68 -0.87 10.32 2.60
C LEU A 68 -0.16 11.08 3.71
N ARG A 69 -0.64 12.28 4.00
CA ARG A 69 -0.02 13.13 5.04
C ARG A 69 -0.44 12.70 6.43
N LEU A 70 0.49 12.80 7.39
CA LEU A 70 0.18 12.63 8.83
C LEU A 70 0.47 14.00 9.49
N TYR A 71 -0.53 14.60 10.13
CA TYR A 71 -0.41 15.95 10.70
C TYR A 71 0.12 16.03 12.15
N GLY A 72 -0.02 14.96 12.91
CA GLY A 72 0.34 15.02 14.31
C GLY A 72 -0.22 13.82 15.06
N TYR A 73 -0.09 13.82 16.39
CA TYR A 73 -0.53 12.69 17.20
C TYR A 73 -0.66 13.09 18.70
N PHE A 74 -1.41 12.29 19.45
CA PHE A 74 -1.52 12.44 20.90
C PHE A 74 -1.91 11.11 21.54
N HIS A 75 -1.98 11.07 22.87
CA HIS A 75 -2.27 9.80 23.53
C HIS A 75 -2.86 10.00 24.90
N ASP A 76 -3.47 8.94 25.46
CA ASP A 76 -4.22 9.11 26.70
C ASP A 76 -4.22 7.91 27.64
N ALA A 77 -3.19 7.07 27.56
CA ALA A 77 -2.98 6.03 28.61
C ALA A 77 -3.67 4.71 28.35
N THR A 78 -4.79 4.69 27.60
CA THR A 78 -5.17 3.42 26.96
C THR A 78 -4.94 3.46 25.41
N ARG A 79 -4.86 4.66 24.82
CA ARG A 79 -4.87 4.77 23.35
C ARG A 79 -3.84 5.76 22.81
N VAL A 80 -3.44 5.56 21.55
CA VAL A 80 -2.64 6.51 20.79
C VAL A 80 -3.52 6.92 19.59
N TYR A 81 -3.54 8.21 19.28
CA TYR A 81 -4.34 8.78 18.19
C TYR A 81 -3.41 9.37 17.10
N LEU A 82 -3.56 8.96 15.85
CA LEU A 82 -2.83 9.59 14.76
C LEU A 82 -3.77 10.47 13.95
N ILE A 83 -3.34 11.71 13.72
CA ILE A 83 -4.16 12.71 13.02
C ILE A 83 -3.77 12.66 11.53
N LEU A 84 -4.65 12.10 10.69
CA LEU A 84 -4.31 11.85 9.27
C LEU A 84 -5.06 12.75 8.28
N GLU A 85 -4.44 13.00 7.13
CA GLU A 85 -5.18 13.55 5.96
C GLU A 85 -6.38 12.63 5.64
N TYR A 86 -7.60 13.19 5.56
CA TYR A 86 -8.80 12.44 5.15
C TYR A 86 -8.83 12.24 3.63
N ALA A 87 -9.05 11.00 3.17
CA ALA A 87 -9.12 10.66 1.73
C ALA A 87 -10.59 10.43 1.37
N PRO A 88 -11.20 11.42 0.71
CA PRO A 88 -12.67 11.36 0.68
C PRO A 88 -13.26 10.32 -0.30
N LEU A 89 -12.45 9.77 -1.20
CA LEU A 89 -13.00 8.81 -2.18
C LEU A 89 -12.68 7.35 -1.79
N GLY A 90 -12.11 7.16 -0.60
CA GLY A 90 -12.06 5.81 -0.02
C GLY A 90 -10.87 4.97 -0.50
N THR A 91 -10.92 3.66 -0.30
CA THR A 91 -9.79 2.80 -0.67
C THR A 91 -9.91 2.26 -2.10
N VAL A 92 -8.76 1.95 -2.69
CA VAL A 92 -8.78 1.16 -3.96
C VAL A 92 -9.42 -0.23 -3.79
N TYR A 93 -9.21 -0.87 -2.62
CA TYR A 93 -9.88 -2.11 -2.23
C TYR A 93 -11.42 -1.98 -2.46
N ARG A 94 -12.02 -0.93 -1.88
CA ARG A 94 -13.48 -0.71 -1.99
C ARG A 94 -13.91 -0.48 -3.45
N GLU A 95 -13.10 0.28 -4.18
CA GLU A 95 -13.39 0.58 -5.58
C GLU A 95 -13.35 -0.69 -6.46
N LEU A 96 -12.42 -1.61 -6.19
CA LEU A 96 -12.34 -2.86 -6.96
C LEU A 96 -13.54 -3.76 -6.62
N GLN A 97 -13.99 -3.72 -5.37
CA GLN A 97 -15.18 -4.50 -5.04
C GLN A 97 -16.39 -3.95 -5.81
N LYS A 98 -16.46 -2.64 -5.94
CA LYS A 98 -17.57 -1.95 -6.61
C LYS A 98 -17.61 -2.27 -8.10
N LEU A 99 -16.44 -2.17 -8.77
CA LEU A 99 -16.39 -2.29 -10.23
C LEU A 99 -16.05 -3.71 -10.73
N SER A 100 -15.53 -4.55 -9.84
CA SER A 100 -15.09 -5.93 -10.11
C SER A 100 -13.74 -5.99 -10.83
N LYS A 101 -13.58 -5.20 -11.88
CA LYS A 101 -12.34 -5.09 -12.69
C LYS A 101 -12.12 -3.65 -13.15
N PHE A 102 -10.87 -3.22 -13.34
CA PHE A 102 -10.57 -1.87 -13.83
C PHE A 102 -10.23 -1.97 -15.31
N ASP A 103 -10.57 -0.96 -16.11
CA ASP A 103 -10.13 -0.99 -17.50
C ASP A 103 -8.64 -0.62 -17.62
N GLU A 104 -8.11 -0.63 -18.83
CA GLU A 104 -6.66 -0.44 -18.98
C GLU A 104 -6.21 1.00 -18.64
N GLN A 105 -7.07 2.00 -18.89
CA GLN A 105 -6.74 3.40 -18.58
C GLN A 105 -6.65 3.64 -17.06
N ARG A 106 -7.65 3.15 -16.31
CA ARG A 106 -7.63 3.31 -14.86
C ARG A 106 -6.42 2.58 -14.27
N THR A 107 -6.19 1.36 -14.72
CA THR A 107 -5.08 0.53 -14.24
C THR A 107 -3.72 1.20 -14.47
N ALA A 108 -3.45 1.61 -15.73
CA ALA A 108 -2.17 2.22 -16.05
C ALA A 108 -1.99 3.53 -15.32
N THR A 109 -3.07 4.28 -15.13
CA THR A 109 -2.96 5.53 -14.38
C THR A 109 -2.57 5.28 -12.91
N TYR A 110 -3.23 4.33 -12.27
CA TYR A 110 -2.89 3.99 -10.87
C TYR A 110 -1.44 3.51 -10.76
N ILE A 111 -1.01 2.65 -11.69
CA ILE A 111 0.36 2.15 -11.65
C ILE A 111 1.36 3.29 -11.82
N THR A 112 1.04 4.26 -12.68
CA THR A 112 1.86 5.47 -12.78
C THR A 112 1.98 6.22 -11.46
N GLU A 113 0.85 6.44 -10.77
CA GLU A 113 0.85 7.19 -9.51
C GLU A 113 1.63 6.43 -8.41
N LEU A 114 1.42 5.13 -8.33
CA LEU A 114 2.21 4.26 -7.45
C LEU A 114 3.72 4.32 -7.72
N ALA A 115 4.10 4.23 -9.00
CA ALA A 115 5.51 4.25 -9.37
C ALA A 115 6.13 5.63 -9.08
N ASN A 116 5.35 6.70 -9.23
CA ASN A 116 5.85 8.05 -8.89
C ASN A 116 6.18 8.15 -7.39
N ALA A 117 5.26 7.67 -6.53
CA ALA A 117 5.53 7.74 -5.10
C ALA A 117 6.68 6.83 -4.69
N LEU A 118 6.68 5.61 -5.23
CA LEU A 118 7.69 4.65 -4.80
C LEU A 118 9.07 5.02 -5.36
N SER A 119 9.11 5.65 -6.53
CA SER A 119 10.40 6.16 -7.04
C SER A 119 11.04 7.17 -6.07
N TYR A 120 10.24 8.04 -5.46
CA TYR A 120 10.72 8.99 -4.45
C TYR A 120 11.31 8.21 -3.24
N CYS A 121 10.57 7.23 -2.70
CA CYS A 121 11.04 6.46 -1.55
C CYS A 121 12.31 5.62 -1.88
N HIS A 122 12.34 5.01 -3.07
CA HIS A 122 13.48 4.18 -3.40
C HIS A 122 14.74 5.00 -3.58
N SER A 123 14.56 6.28 -3.93
CA SER A 123 15.71 7.18 -4.03
C SER A 123 16.33 7.42 -2.64
N LYS A 124 15.64 7.06 -1.57
CA LYS A 124 16.14 7.18 -0.21
C LYS A 124 16.39 5.78 0.38
N ARG A 125 16.30 4.76 -0.48
CA ARG A 125 16.47 3.36 -0.10
C ARG A 125 15.42 2.90 0.92
N VAL A 126 14.24 3.54 0.90
CA VAL A 126 13.11 3.16 1.77
C VAL A 126 12.20 2.21 1.01
N ILE A 127 11.90 1.03 1.58
CA ILE A 127 11.02 0.07 0.90
C ILE A 127 9.73 -0.05 1.72
N HIS A 128 8.58 -0.05 1.07
CA HIS A 128 7.31 0.01 1.82
C HIS A 128 6.92 -1.35 2.42
N ARG A 129 6.98 -2.36 1.55
CA ARG A 129 6.79 -3.78 1.84
C ARG A 129 5.32 -4.21 2.10
N ASP A 130 4.39 -3.28 2.06
CA ASP A 130 2.97 -3.60 2.41
C ASP A 130 1.98 -2.88 1.47
N ILE A 131 2.33 -2.85 0.19
CA ILE A 131 1.57 -2.25 -0.86
C ILE A 131 0.50 -3.26 -1.18
N LYS A 132 -0.71 -2.94 -0.76
CA LYS A 132 -1.92 -3.72 -1.08
C LYS A 132 -3.15 -2.80 -1.12
N PRO A 133 -4.23 -3.25 -1.80
CA PRO A 133 -5.30 -2.29 -2.10
C PRO A 133 -5.94 -1.57 -0.88
N GLU A 134 -5.99 -2.22 0.30
CA GLU A 134 -6.59 -1.59 1.48
C GLU A 134 -5.76 -0.41 2.03
N ASN A 135 -4.49 -0.33 1.60
CA ASN A 135 -3.56 0.74 2.02
C ASN A 135 -3.34 1.83 0.95
N LEU A 136 -4.18 1.79 -0.10
CA LEU A 136 -4.08 2.77 -1.20
C LEU A 136 -5.35 3.59 -1.18
N LEU A 137 -5.23 4.89 -0.95
CA LEU A 137 -6.41 5.73 -0.73
C LEU A 137 -6.62 6.69 -1.89
N LEU A 138 -7.83 7.23 -1.97
CA LEU A 138 -8.16 8.13 -3.10
C LEU A 138 -8.54 9.55 -2.66
N GLY A 139 -7.88 10.57 -3.23
CA GLY A 139 -8.12 11.96 -2.90
C GLY A 139 -9.38 12.53 -3.56
N SER A 140 -9.61 13.83 -3.37
CA SER A 140 -10.88 14.43 -3.80
C SER A 140 -11.00 14.40 -5.33
N ALA A 141 -9.87 14.39 -6.04
CA ALA A 141 -9.92 14.31 -7.50
C ALA A 141 -9.61 12.92 -8.03
N GLY A 142 -9.71 11.91 -7.15
CA GLY A 142 -9.57 10.50 -7.54
C GLY A 142 -8.11 10.11 -7.64
N GLU A 143 -7.21 10.97 -7.16
CA GLU A 143 -5.75 10.68 -7.24
C GLU A 143 -5.28 9.66 -6.15
N LEU A 144 -4.40 8.73 -6.51
CA LEU A 144 -4.01 7.65 -5.55
C LEU A 144 -2.97 8.14 -4.53
N LYS A 145 -3.13 7.73 -3.26
CA LYS A 145 -2.15 8.08 -2.21
C LYS A 145 -1.75 6.82 -1.43
N ILE A 146 -0.46 6.57 -1.31
CA ILE A 146 0.00 5.43 -0.49
C ILE A 146 -0.03 5.78 0.98
N ALA A 147 -0.55 4.86 1.80
CA ALA A 147 -0.61 5.06 3.25
C ALA A 147 0.00 3.87 4.03
N ASP A 148 -0.15 3.88 5.36
CA ASP A 148 0.26 2.72 6.22
C ASP A 148 1.76 2.37 6.03
N PHE A 149 2.64 3.35 6.32
CA PHE A 149 4.08 3.11 6.16
C PHE A 149 4.70 2.38 7.36
N GLY A 150 3.86 1.77 8.22
CA GLY A 150 4.34 1.15 9.43
C GLY A 150 5.30 -0.03 9.21
N TRP A 151 5.15 -0.73 8.08
CA TRP A 151 6.02 -1.90 7.78
C TRP A 151 7.32 -1.53 7.06
N SER A 152 7.48 -0.26 6.69
CA SER A 152 8.61 0.21 5.88
C SER A 152 9.99 0.13 6.58
N VAL A 153 11.05 -0.08 5.81
CA VAL A 153 12.40 -0.25 6.39
C VAL A 153 13.43 0.39 5.46
N HIS A 154 14.68 0.59 5.90
CA HIS A 154 15.62 1.00 4.87
C HIS A 154 16.34 -0.24 4.36
N ALA A 155 16.67 -0.22 3.07
CA ALA A 155 17.24 -1.37 2.37
C ALA A 155 18.78 -1.41 2.36
N PRO A 156 19.35 -2.61 2.36
CA PRO A 156 18.70 -3.93 2.43
C PRO A 156 18.25 -4.29 3.84
N SER A 157 17.31 -5.24 3.95
CA SER A 157 16.79 -5.58 5.25
C SER A 157 16.55 -7.06 5.42
N SER A 158 16.53 -7.48 6.68
CA SER A 158 16.01 -8.78 7.08
C SER A 158 14.58 -8.60 7.63
N ARG A 159 13.95 -9.67 8.10
CA ARG A 159 12.65 -9.55 8.75
C ARG A 159 12.65 -10.18 10.14
N ARG A 160 12.17 -9.42 11.13
CA ARG A 160 12.09 -9.88 12.50
C ARG A 160 10.66 -9.83 13.03
N THR A 161 9.78 -9.17 12.28
CA THR A 161 8.38 -9.03 12.66
C THR A 161 7.58 -10.15 11.97
N TPO A 162 6.67 -10.77 12.72
CA TPO A 162 5.85 -11.87 12.21
CB TPO A 162 5.08 -12.56 13.38
CG2 TPO A 162 4.20 -13.70 12.83
OG1 TPO A 162 6.01 -13.05 14.37
P TPO A 162 6.05 -12.21 15.76
O1P TPO A 162 6.45 -10.66 15.50
O2P TPO A 162 4.73 -12.24 16.43
O3P TPO A 162 7.17 -12.88 16.70
C TPO A 162 4.88 -11.39 11.11
O TPO A 162 4.22 -10.35 11.29
N LEU A 163 4.80 -12.13 10.00
CA LEU A 163 3.87 -11.82 8.91
C LEU A 163 2.43 -12.00 9.40
N ALA A 164 1.51 -11.17 8.94
CA ALA A 164 0.15 -11.23 9.49
C ALA A 164 -0.81 -12.03 8.60
N GLY A 165 -1.67 -11.31 7.90
CA GLY A 165 -2.76 -11.93 7.16
C GLY A 165 -2.34 -12.65 5.89
N THR A 166 -2.74 -12.08 4.76
CA THR A 166 -2.51 -12.72 3.49
C THR A 166 -1.05 -12.60 3.03
N LEU A 167 -0.60 -13.62 2.31
CA LEU A 167 0.68 -13.67 1.63
C LEU A 167 0.60 -13.05 0.21
N ASP A 168 -0.61 -12.73 -0.21
CA ASP A 168 -0.87 -12.51 -1.66
C ASP A 168 -0.01 -11.45 -2.36
N TYR A 169 0.51 -10.45 -1.62
CA TYR A 169 1.26 -9.37 -2.30
C TYR A 169 2.78 -9.43 -2.10
N LEU A 170 3.23 -10.43 -1.36
CA LEU A 170 4.66 -10.55 -1.01
C LEU A 170 5.45 -11.46 -1.95
N PRO A 171 6.72 -11.09 -2.22
CA PRO A 171 7.58 -11.88 -3.13
C PRO A 171 8.22 -13.11 -2.44
N PRO A 172 8.83 -14.00 -3.24
CA PRO A 172 9.44 -15.24 -2.73
C PRO A 172 10.48 -14.98 -1.62
N GLU A 173 11.34 -13.96 -1.80
CA GLU A 173 12.39 -13.71 -0.82
C GLU A 173 11.85 -13.22 0.53
N MET A 174 10.67 -12.62 0.52
CA MET A 174 10.01 -12.18 1.73
C MET A 174 9.29 -13.38 2.45
N ILE A 175 8.54 -14.19 1.73
CA ILE A 175 7.84 -15.27 2.45
C ILE A 175 8.83 -16.38 2.92
N GLU A 176 9.94 -16.49 2.24
CA GLU A 176 10.95 -17.46 2.61
C GLU A 176 11.90 -16.92 3.68
N GLY A 177 11.71 -15.67 4.09
CA GLY A 177 12.51 -15.11 5.16
C GLY A 177 13.98 -14.88 4.83
N ARG A 178 14.22 -14.40 3.61
CA ARG A 178 15.56 -14.10 3.13
C ARG A 178 15.85 -12.58 3.16
N MET A 179 17.10 -12.20 2.91
CA MET A 179 17.48 -10.78 2.76
C MET A 179 16.73 -10.17 1.59
N HIS A 180 16.35 -8.90 1.66
CA HIS A 180 15.54 -8.29 0.59
C HIS A 180 15.79 -6.76 0.46
N ASP A 181 15.34 -6.19 -0.64
CA ASP A 181 15.60 -4.79 -0.92
C ASP A 181 14.46 -4.10 -1.71
N GLU A 182 14.77 -3.03 -2.42
CA GLU A 182 13.75 -2.24 -3.12
C GLU A 182 12.89 -3.08 -4.05
N LYS A 183 13.46 -4.16 -4.59
CA LYS A 183 12.75 -4.96 -5.59
C LYS A 183 11.50 -5.63 -5.03
N VAL A 184 11.37 -5.69 -3.69
CA VAL A 184 10.13 -6.25 -3.09
C VAL A 184 8.93 -5.46 -3.58
N ASP A 185 9.05 -4.14 -3.63
CA ASP A 185 7.92 -3.29 -4.05
C ASP A 185 7.60 -3.46 -5.54
N LEU A 186 8.60 -3.83 -6.35
CA LEU A 186 8.37 -4.07 -7.77
C LEU A 186 7.54 -5.31 -7.98
N TRP A 187 7.83 -6.37 -7.21
CA TRP A 187 6.98 -7.57 -7.26
C TRP A 187 5.53 -7.19 -6.89
N SER A 188 5.37 -6.44 -5.81
CA SER A 188 3.99 -6.12 -5.37
C SER A 188 3.27 -5.28 -6.44
N LEU A 189 4.00 -4.43 -7.17
CA LEU A 189 3.39 -3.62 -8.25
C LEU A 189 2.86 -4.54 -9.37
N GLY A 190 3.57 -5.64 -9.64
CA GLY A 190 3.11 -6.63 -10.61
C GLY A 190 1.84 -7.35 -10.17
N VAL A 191 1.81 -7.73 -8.89
CA VAL A 191 0.61 -8.33 -8.31
C VAL A 191 -0.63 -7.39 -8.43
N LEU A 192 -0.47 -6.12 -8.09
CA LEU A 192 -1.51 -5.11 -8.25
C LEU A 192 -2.00 -4.93 -9.70
N CYS A 193 -1.06 -4.77 -10.63
CA CYS A 193 -1.42 -4.62 -12.03
C CYS A 193 -2.30 -5.79 -12.54
N TYR A 194 -1.95 -7.03 -12.15
CA TYR A 194 -2.74 -8.20 -12.48
C TYR A 194 -4.11 -8.10 -11.80
N GLU A 195 -4.11 -7.78 -10.50
CA GLU A 195 -5.38 -7.81 -9.76
C GLU A 195 -6.36 -6.75 -10.28
N PHE A 196 -5.85 -5.56 -10.62
CA PHE A 196 -6.64 -4.44 -11.19
C PHE A 196 -7.29 -4.88 -12.52
N LEU A 197 -6.56 -5.58 -13.40
CA LEU A 197 -7.19 -6.01 -14.69
C LEU A 197 -8.10 -7.23 -14.61
N VAL A 198 -7.79 -8.16 -13.70
CA VAL A 198 -8.47 -9.45 -13.67
C VAL A 198 -9.53 -9.55 -12.56
N GLY A 199 -9.32 -8.82 -11.46
CA GLY A 199 -10.25 -8.83 -10.35
C GLY A 199 -9.84 -9.72 -9.19
N LYS A 200 -8.75 -10.48 -9.36
CA LYS A 200 -8.22 -11.29 -8.26
C LYS A 200 -6.72 -11.37 -8.43
N PRO A 201 -5.97 -11.49 -7.32
CA PRO A 201 -4.51 -11.53 -7.49
C PRO A 201 -3.98 -12.85 -8.08
N PRO A 202 -2.77 -12.80 -8.66
CA PRO A 202 -2.31 -13.91 -9.52
C PRO A 202 -1.97 -15.21 -8.80
N PHE A 203 -1.74 -15.18 -7.48
CA PHE A 203 -1.36 -16.41 -6.76
C PHE A 203 -2.44 -16.78 -5.76
N GLU A 204 -3.62 -16.21 -5.93
CA GLU A 204 -4.74 -16.51 -5.04
C GLU A 204 -5.07 -18.03 -5.00
N ALA A 205 -5.16 -18.53 -3.78
CA ALA A 205 -5.43 -19.94 -3.53
C ALA A 205 -6.31 -20.09 -2.26
N ASN A 206 -6.86 -21.29 -2.03
CA ASN A 206 -7.85 -21.45 -0.97
C ASN A 206 -7.24 -21.87 0.37
N THR A 207 -5.95 -22.12 0.41
CA THR A 207 -5.22 -22.25 1.68
C THR A 207 -3.94 -21.43 1.70
N TYR A 208 -3.46 -21.15 2.91
CA TYR A 208 -2.16 -20.51 3.11
C TYR A 208 -1.01 -21.34 2.53
N GLN A 209 -1.12 -22.66 2.77
CA GLN A 209 -0.06 -23.56 2.34
C GLN A 209 0.06 -23.59 0.81
N GLU A 210 -1.07 -23.55 0.13
CA GLU A 210 -1.07 -23.54 -1.34
C GLU A 210 -0.67 -22.15 -1.88
N THR A 211 -1.10 -21.08 -1.25
CA THR A 211 -0.68 -19.74 -1.71
C THR A 211 0.86 -19.64 -1.64
N TYR A 212 1.43 -20.12 -0.55
CA TYR A 212 2.88 -20.07 -0.37
C TYR A 212 3.59 -20.82 -1.49
N LYS A 213 3.10 -22.02 -1.78
CA LYS A 213 3.70 -22.80 -2.86
C LYS A 213 3.61 -22.08 -4.23
N ARG A 214 2.44 -21.51 -4.55
CA ARG A 214 2.21 -20.82 -5.83
C ARG A 214 3.17 -19.63 -5.97
N ILE A 215 3.35 -18.87 -4.88
CA ILE A 215 4.30 -17.77 -4.92
C ILE A 215 5.77 -18.24 -5.09
N SER A 216 6.23 -19.16 -4.24
CA SER A 216 7.59 -19.65 -4.30
C SER A 216 7.92 -20.21 -5.69
N ARG A 217 6.92 -20.74 -6.42
CA ARG A 217 7.18 -21.38 -7.75
C ARG A 217 6.73 -20.48 -8.91
N VAL A 218 6.28 -19.26 -8.57
CA VAL A 218 5.82 -18.23 -9.53
C VAL A 218 4.79 -18.83 -10.51
N GLU A 219 3.75 -19.43 -9.96
CA GLU A 219 2.72 -20.10 -10.79
C GLU A 219 1.53 -19.18 -11.03
N PHE A 220 1.53 -18.47 -12.17
CA PHE A 220 0.39 -17.63 -12.53
C PHE A 220 0.08 -17.83 -14.03
N THR A 221 -1.18 -17.68 -14.43
CA THR A 221 -1.60 -17.66 -15.85
C THR A 221 -2.56 -16.48 -16.13
N PHE A 222 -2.73 -16.11 -17.41
CA PHE A 222 -3.55 -14.97 -17.81
C PHE A 222 -4.89 -15.42 -18.42
N PRO A 223 -6.00 -14.78 -18.02
CA PRO A 223 -7.24 -14.98 -18.78
C PRO A 223 -7.14 -14.42 -20.20
N ASP A 224 -7.98 -14.91 -21.11
CA ASP A 224 -7.92 -14.50 -22.52
C ASP A 224 -7.97 -13.01 -22.78
N PHE A 225 -8.73 -12.27 -21.97
CA PHE A 225 -8.91 -10.84 -22.26
C PHE A 225 -7.73 -9.94 -21.87
N VAL A 226 -6.73 -10.46 -21.16
CA VAL A 226 -5.58 -9.62 -20.81
C VAL A 226 -4.65 -9.42 -22.03
N THR A 227 -4.39 -8.17 -22.39
CA THR A 227 -3.66 -7.86 -23.65
C THR A 227 -2.16 -8.15 -23.66
N GLU A 228 -1.55 -8.23 -24.86
CA GLU A 228 -0.11 -8.54 -24.97
C GLU A 228 0.76 -7.56 -24.20
N GLY A 229 0.38 -6.29 -24.23
CA GLY A 229 1.15 -5.26 -23.57
C GLY A 229 1.09 -5.36 -22.04
N ALA A 230 -0.11 -5.60 -21.53
CA ALA A 230 -0.22 -5.87 -20.07
C ALA A 230 0.51 -7.14 -19.67
N ARG A 231 0.38 -8.22 -20.45
CA ARG A 231 1.13 -9.45 -20.14
C ARG A 231 2.64 -9.20 -20.09
N ASP A 232 3.17 -8.37 -21.00
CA ASP A 232 4.60 -8.10 -21.01
C ASP A 232 5.07 -7.43 -19.73
N LEU A 233 4.32 -6.42 -19.28
CA LEU A 233 4.74 -5.69 -18.10
C LEU A 233 4.63 -6.58 -16.84
N ILE A 234 3.50 -7.26 -16.68
CA ILE A 234 3.31 -8.14 -15.50
C ILE A 234 4.39 -9.23 -15.46
N SER A 235 4.69 -9.81 -16.63
CA SER A 235 5.68 -10.89 -16.68
C SER A 235 7.07 -10.35 -16.31
N ARG A 236 7.35 -9.10 -16.63
CA ARG A 236 8.64 -8.51 -16.26
C ARG A 236 8.76 -8.26 -14.75
N LEU A 237 7.63 -7.92 -14.12
CA LEU A 237 7.63 -7.62 -12.70
C LEU A 237 7.64 -8.88 -11.80
N LEU A 238 6.97 -9.94 -12.24
CA LEU A 238 6.80 -11.18 -11.45
C LEU A 238 7.91 -12.16 -11.79
N LYS A 239 9.16 -11.71 -11.58
CA LYS A 239 10.34 -12.57 -11.73
C LYS A 239 10.83 -13.11 -10.38
N HIS A 240 11.17 -14.40 -10.35
CA HIS A 240 11.64 -14.99 -9.10
C HIS A 240 12.86 -14.29 -8.55
N ASN A 241 13.83 -14.05 -9.44
CA ASN A 241 15.11 -13.40 -9.10
C ASN A 241 14.93 -11.88 -9.03
N PRO A 242 15.02 -11.26 -7.83
CA PRO A 242 14.77 -9.82 -7.69
C PRO A 242 15.61 -8.95 -8.62
N SER A 243 16.84 -9.36 -8.89
CA SER A 243 17.73 -8.53 -9.72
C SER A 243 17.25 -8.42 -11.16
N GLN A 244 16.39 -9.34 -11.59
CA GLN A 244 15.86 -9.30 -12.95
C GLN A 244 14.59 -8.44 -13.11
N ARG A 245 13.97 -8.02 -12.01
CA ARG A 245 12.81 -7.11 -12.11
C ARG A 245 13.31 -5.72 -12.51
N PRO A 246 12.54 -4.98 -13.34
CA PRO A 246 12.96 -3.65 -13.83
C PRO A 246 13.04 -2.60 -12.75
N MET A 247 13.69 -1.47 -13.04
CA MET A 247 13.65 -0.31 -12.16
C MET A 247 12.36 0.47 -12.38
N LEU A 248 11.94 1.28 -11.41
CA LEU A 248 10.68 1.97 -11.56
C LEU A 248 10.70 2.92 -12.77
N ARG A 249 11.87 3.44 -13.12
CA ARG A 249 12.00 4.31 -14.30
C ARG A 249 11.57 3.56 -15.56
N GLU A 250 11.92 2.28 -15.62
CA GLU A 250 11.61 1.46 -16.80
C GLU A 250 10.13 1.09 -16.83
N VAL A 251 9.50 0.96 -15.65
CA VAL A 251 8.04 0.78 -15.61
C VAL A 251 7.32 2.00 -16.17
N LEU A 252 7.73 3.19 -15.71
CA LEU A 252 7.10 4.45 -16.10
C LEU A 252 7.20 4.77 -17.60
N GLU A 253 8.23 4.22 -18.25
CA GLU A 253 8.39 4.38 -19.71
C GLU A 253 7.94 3.16 -20.53
N HIS A 254 7.33 2.14 -19.91
CA HIS A 254 6.88 0.97 -20.67
C HIS A 254 5.77 1.36 -21.66
N PRO A 255 5.83 0.85 -22.91
CA PRO A 255 4.92 1.32 -23.97
C PRO A 255 3.42 1.20 -23.62
N TRP A 256 3.06 0.21 -22.81
CA TRP A 256 1.66 -0.01 -22.43
C TRP A 256 1.22 1.04 -21.38
N ILE A 257 2.14 1.39 -20.50
CA ILE A 257 1.89 2.45 -19.50
C ILE A 257 1.74 3.81 -20.21
N THR A 258 2.68 4.18 -21.07
CA THR A 258 2.57 5.50 -21.69
C THR A 258 1.38 5.59 -22.67
N ALA A 259 0.98 4.47 -23.26
CA ALA A 259 -0.17 4.46 -24.16
C ALA A 259 -1.49 4.65 -23.44
N ASN A 260 -1.57 4.21 -22.17
CA ASN A 260 -2.88 4.11 -21.51
C ASN A 260 -3.06 5.00 -20.29
N SER A 261 -1.96 5.46 -19.70
CA SER A 261 -2.09 6.30 -18.50
C SER A 261 -2.59 7.72 -18.81
N SER A 262 -3.45 8.26 -17.94
CA SER A 262 -3.96 9.62 -18.14
C SER A 262 -3.16 10.61 -17.31
N LYS A 263 -2.12 10.13 -16.65
CA LYS A 263 -1.23 10.98 -15.88
C LYS A 263 0.20 10.76 -16.31
N PRO A 264 1.00 11.84 -16.22
CA PRO A 264 2.42 11.72 -16.63
C PRO A 264 3.37 11.26 -15.50
N SER A 265 4.53 10.76 -15.92
CA SER A 265 5.56 10.31 -14.98
C SER A 265 6.42 11.46 -14.45
PB ADP B . -3.55 -0.56 9.94
O1B ADP B . -2.15 0.07 10.25
O2B ADP B . -4.16 -1.15 11.20
O3B ADP B . -3.62 -1.47 8.72
PA ADP B . -4.67 1.64 8.29
O1A ADP B . -3.91 2.97 8.44
O2A ADP B . -4.28 0.80 7.11
O3A ADP B . -4.56 0.74 9.62
O5' ADP B . -6.27 2.06 8.27
C5' ADP B . -7.20 0.94 8.23
C4' ADP B . -8.36 1.26 7.27
O4' ADP B . -8.98 2.53 7.56
C3' ADP B . -7.90 1.44 5.83
O3' ADP B . -7.64 0.16 5.20
C2' ADP B . -9.03 2.28 5.21
O2' ADP B . -10.16 1.43 5.02
C1' ADP B . -9.40 3.23 6.34
N9 ADP B . -8.59 4.47 6.32
C8 ADP B . -7.33 4.58 6.84
N7 ADP B . -6.83 5.83 6.70
C5 ADP B . -7.79 6.54 6.06
C6 ADP B . -7.91 7.93 5.58
N6 ADP B . -6.89 8.79 5.79
N1 ADP B . -9.06 8.31 4.96
C2 ADP B . -10.08 7.45 4.78
N3 ADP B . -10.06 6.13 5.16
C4 ADP B . -8.94 5.66 5.82
MG MG C . -3.48 -1.07 6.66
MG MG D . -0.21 -0.47 9.85
CL CL E . 14.03 -15.31 -12.54
CL CL F . 7.35 9.03 18.00
CL CL G . -3.20 -20.53 -12.62
C10 A4W H . 11.53 11.52 5.71
C13 A4W H . 13.05 9.52 6.84
F01 A4W H . 13.35 8.52 4.73
C02 A4W H . 12.83 9.52 5.48
C03 A4W H . 12.08 10.53 4.91
N04 A4W H . 11.82 10.57 3.51
C05 A4W H . 11.25 9.42 2.88
C06 A4W H . 10.93 9.49 1.41
C07 A4W H . 9.89 8.82 0.88
S08 A4W H . 9.43 7.19 1.44
O09 A4W H . 11.03 8.38 3.51
C11 A4W H . 11.74 11.52 7.07
C12 A4W H . 12.50 10.51 7.65
CL1 A4W H . 13.99 8.22 7.51
#